data_6VMY
#
_entry.id   6VMY
#
_cell.length_a   118.282
_cell.length_b   118.282
_cell.length_c   261.547
_cell.angle_alpha   90.00
_cell.angle_beta   90.00
_cell.angle_gamma   120.00
#
_symmetry.space_group_name_H-M   'P 65 2 2'
#
loop_
_entity.id
_entity.type
_entity.pdbx_description
1 polymer 'B. subtilis cobalamin riboswitch'
2 non-polymer 'MAGNESIUM ION'
3 non-polymer 'COBALT HEXAMMINE(III)'
4 non-polymer Adenosylcobalamin
5 water water
#
_entity_poly.entity_id   1
_entity_poly.type   'polyribonucleotide'
_entity_poly.pdbx_seq_one_letter_code
;(GTP)GUCAAAUAGGUGCCGGUCCGUGAACAACAGCCGGCUUAAAAGGGAAACCGGUAAAAGCCGGUGCGGUCCCGCCAC
UGUAAUUGGCCAAGCGCCAAGAGCCAGGAUACCUGCCUGUUUGAUCAGCACGAAUUCUGCGAGGACAGAUGA
;
_entity_poly.pdbx_strand_id   A
#